data_5KCF
#
_entry.id   5KCF
#
_cell.length_a   54.880
_cell.length_b   81.574
_cell.length_c   58.898
_cell.angle_alpha   90.000
_cell.angle_beta   110.190
_cell.angle_gamma   90.000
#
_symmetry.space_group_name_H-M   'P 1 21 1'
#
loop_
_entity.id
_entity.type
_entity.pdbx_description
1 polymer 'Estrogen receptor'
2 polymer NCOA2
3 non-polymer (1R,2S,4R)-N-ethyl-5,6-bis(4-hydroxyphenyl)-N-(4-methoxyphenyl)-7-oxabicyclo[2.2.1]hept-5-ene-2-sulfonamide
4 non-polymer (1S,2R,4S)-N-ethyl-5,6-bis(4-hydroxyphenyl)-N-(4-methoxyphenyl)-7-oxabicyclo[2.2.1]hept-5-ene-2-sulfonamide
5 water water
#
loop_
_entity_poly.entity_id
_entity_poly.type
_entity_poly.pdbx_seq_one_letter_code
_entity_poly.pdbx_strand_id
1 'polypeptide(L)'
;IKRSKKNSLALSLTADQMVSALLDAEPPILYSEYDPTRPFSEASMMGLLTNLADRELVHMINWAKRVPGFVDLTLHDQVH
LLECAWLEILMIGLVWRSMEHPGKLLFAPNLLLDRNQGKCVEGMVEIFDMLLATSSRFRMMNLQGEEFVCLKSIILLNSG
VYTFLSSTLKSLEEKDHIHRVLDKITDTLIHLMAKAGLTLQQQHQRLAQLLLILSHIRHMSNKGMEHLYSMKCKNVVPLS
DLLLEMLDAHRLHAPTS
;
A,B
2 'polypeptide(L)' KHKILHRLLQDSSS C,D
#
loop_
_chem_comp.id
_chem_comp.type
_chem_comp.name
_chem_comp.formula
OB4 non-polymer (1S,2R,4S)-N-ethyl-5,6-bis(4-hydroxyphenyl)-N-(4-methoxyphenyl)-7-oxabicyclo[2.2.1]hept-5-ene-2-sulfonamide 'C27 H27 N O6 S'
OB5 non-polymer (1R,2S,4R)-N-ethyl-5,6-bis(4-hydroxyphenyl)-N-(4-methoxyphenyl)-7-oxabicyclo[2.2.1]hept-5-ene-2-sulfonamide 'C27 H27 N O6 S'
#
# COMPACT_ATOMS: atom_id res chain seq x y z
N LYS A 6 -1.24 -15.27 -28.56
CA LYS A 6 -2.00 -14.42 -27.66
C LYS A 6 -2.09 -15.03 -26.26
N ASN A 7 -2.04 -16.36 -26.20
CA ASN A 7 -2.12 -17.06 -24.92
C ASN A 7 -0.79 -17.09 -24.18
N SER A 8 -0.82 -16.67 -22.92
CA SER A 8 0.39 -16.56 -22.10
C SER A 8 0.83 -17.91 -21.54
N LEU A 9 2.14 -18.14 -21.55
CA LEU A 9 2.71 -19.37 -21.00
C LEU A 9 2.53 -19.44 -19.48
N ALA A 10 2.54 -18.29 -18.84
CA ALA A 10 2.47 -18.18 -17.39
C ALA A 10 1.23 -18.87 -16.80
N LEU A 11 0.10 -18.72 -17.48
CA LEU A 11 -1.16 -19.25 -16.98
C LEU A 11 -1.27 -20.77 -17.12
N SER A 12 -0.32 -21.36 -17.85
CA SER A 12 -0.33 -22.80 -18.07
C SER A 12 0.55 -23.53 -17.06
N LEU A 13 1.38 -22.77 -16.34
CA LEU A 13 2.25 -23.36 -15.33
C LEU A 13 1.44 -23.88 -14.16
N THR A 14 1.96 -24.91 -13.50
CA THR A 14 1.35 -25.38 -12.26
C THR A 14 1.85 -24.50 -11.12
N ALA A 15 1.32 -24.72 -9.92
CA ALA A 15 1.73 -23.94 -8.76
C ALA A 15 3.21 -24.17 -8.46
N ASP A 16 3.63 -25.42 -8.52
CA ASP A 16 5.03 -25.77 -8.24
C ASP A 16 5.97 -25.23 -9.32
N GLN A 17 5.51 -25.26 -10.58
CA GLN A 17 6.30 -24.71 -11.68
C GLN A 17 6.48 -23.22 -11.51
N MET A 18 5.44 -22.55 -11.06
CA MET A 18 5.48 -21.11 -10.81
C MET A 18 6.48 -20.77 -9.71
N VAL A 19 6.43 -21.54 -8.62
CA VAL A 19 7.36 -21.38 -7.52
C VAL A 19 8.80 -21.62 -7.96
N SER A 20 9.02 -22.70 -8.71
CA SER A 20 10.35 -23.04 -9.20
C SER A 20 10.89 -21.94 -10.11
N ALA A 21 10.06 -21.45 -11.00
CA ALA A 21 10.45 -20.39 -11.92
C ALA A 21 10.86 -19.13 -11.17
N LEU A 22 10.09 -18.78 -10.14
CA LEU A 22 10.37 -17.60 -9.34
C LEU A 22 11.63 -17.75 -8.50
N LEU A 23 11.81 -18.94 -7.92
CA LEU A 23 13.01 -19.23 -7.13
C LEU A 23 14.27 -19.17 -7.98
N ASP A 24 14.17 -19.67 -9.20
CA ASP A 24 15.32 -19.74 -10.11
C ASP A 24 15.68 -18.37 -10.68
N ALA A 25 14.69 -17.49 -10.75
CA ALA A 25 14.87 -16.15 -11.31
C ALA A 25 15.44 -15.19 -10.28
N GLU A 26 15.53 -15.64 -9.04
CA GLU A 26 15.94 -14.80 -7.92
C GLU A 26 17.33 -14.21 -8.13
N PRO A 27 17.45 -12.89 -7.91
CA PRO A 27 18.76 -12.22 -8.01
C PRO A 27 19.63 -12.54 -6.81
N PRO A 28 20.96 -12.43 -6.97
CA PRO A 28 21.87 -12.71 -5.85
C PRO A 28 21.90 -11.56 -4.84
N ILE A 29 22.40 -11.84 -3.64
CA ILE A 29 22.60 -10.80 -2.65
C ILE A 29 23.95 -10.13 -2.89
N LEU A 30 23.91 -8.85 -3.24
CA LEU A 30 25.12 -8.14 -3.62
C LEU A 30 25.84 -7.56 -2.42
N TYR A 31 27.14 -7.32 -2.57
CA TYR A 31 27.94 -6.68 -1.53
C TYR A 31 28.10 -5.19 -1.82
N SER A 32 28.42 -4.44 -0.78
CA SER A 32 28.87 -3.07 -0.97
C SER A 32 30.39 -3.03 -0.85
N GLU A 33 30.94 -1.82 -0.80
CA GLU A 33 32.38 -1.63 -0.70
C GLU A 33 32.94 -2.30 0.56
N TYR A 34 34.16 -2.80 0.48
CA TYR A 34 34.74 -3.55 1.58
C TYR A 34 35.48 -2.66 2.57
N ASP A 35 35.31 -1.35 2.44
CA ASP A 35 35.84 -0.41 3.42
C ASP A 35 35.10 -0.63 4.74
N PRO A 36 35.83 -1.01 5.79
CA PRO A 36 35.20 -1.30 7.08
C PRO A 36 34.74 -0.04 7.82
N THR A 37 34.66 1.09 7.15
CA THR A 37 34.19 2.31 7.79
C THR A 37 32.67 2.32 7.89
N ARG A 38 32.15 2.36 9.12
CA ARG A 38 30.72 2.52 9.32
C ARG A 38 30.30 3.91 8.91
N PRO A 39 29.41 3.99 7.91
CA PRO A 39 28.90 5.29 7.44
C PRO A 39 28.15 6.02 8.54
N PHE A 40 28.62 7.21 8.90
CA PHE A 40 27.95 8.03 9.91
C PHE A 40 27.73 9.45 9.41
N SER A 41 27.61 9.59 8.10
CA SER A 41 27.28 10.87 7.49
C SER A 41 26.30 10.64 6.35
N GLU A 42 25.54 11.68 6.01
CA GLU A 42 24.60 11.63 4.89
C GLU A 42 25.29 11.20 3.60
N ALA A 43 26.45 11.78 3.35
CA ALA A 43 27.20 11.53 2.12
C ALA A 43 27.72 10.10 2.02
N SER A 44 28.44 9.66 3.05
CA SER A 44 28.99 8.31 3.08
CA SER A 44 28.99 8.31 3.06
C SER A 44 27.88 7.26 3.03
N MET A 45 26.79 7.54 3.74
CA MET A 45 25.63 6.65 3.77
C MET A 45 25.03 6.51 2.38
N MET A 46 24.56 7.64 1.84
CA MET A 46 23.93 7.65 0.53
C MET A 46 24.90 7.22 -0.56
N GLY A 47 26.18 7.47 -0.34
CA GLY A 47 27.21 7.06 -1.30
C GLY A 47 27.20 5.57 -1.53
N LEU A 48 27.23 4.81 -0.45
CA LEU A 48 27.24 3.35 -0.53
C LEU A 48 25.92 2.81 -1.05
N LEU A 49 24.82 3.47 -0.65
CA LEU A 49 23.48 3.01 -0.98
C LEU A 49 23.13 3.22 -2.45
N THR A 50 23.52 4.38 -3.00
CA THR A 50 23.30 4.65 -4.42
C THR A 50 24.02 3.63 -5.29
N ASN A 51 25.27 3.37 -4.94
CA ASN A 51 26.09 2.39 -5.65
C ASN A 51 25.47 1.00 -5.60
N LEU A 52 25.05 0.60 -4.41
CA LEU A 52 24.41 -0.71 -4.22
C LEU A 52 23.14 -0.84 -5.05
N ALA A 53 22.23 0.12 -4.89
CA ALA A 53 20.94 0.06 -5.57
C ALA A 53 21.08 0.15 -7.08
N ASP A 54 22.14 0.82 -7.55
CA ASP A 54 22.42 0.90 -8.98
C ASP A 54 22.69 -0.49 -9.55
N ARG A 55 23.53 -1.26 -8.85
CA ARG A 55 23.88 -2.60 -9.29
C ARG A 55 22.70 -3.54 -9.11
N GLU A 56 21.93 -3.36 -8.03
CA GLU A 56 20.74 -4.16 -7.79
C GLU A 56 19.68 -3.96 -8.87
N LEU A 57 19.59 -2.74 -9.40
CA LEU A 57 18.62 -2.42 -10.44
C LEU A 57 18.84 -3.25 -11.69
N VAL A 58 20.10 -3.42 -12.07
CA VAL A 58 20.46 -4.20 -13.25
C VAL A 58 20.01 -5.64 -13.10
N HIS A 59 20.18 -6.19 -11.90
CA HIS A 59 19.72 -7.55 -11.61
C HIS A 59 18.20 -7.62 -11.58
N MET A 60 17.57 -6.57 -11.06
CA MET A 60 16.11 -6.52 -10.97
C MET A 60 15.47 -6.54 -12.35
N ILE A 61 16.04 -5.76 -13.26
CA ILE A 61 15.51 -5.67 -14.62
C ILE A 61 15.57 -7.04 -15.33
N ASN A 62 16.64 -7.77 -15.11
CA ASN A 62 16.76 -9.10 -15.69
C ASN A 62 15.99 -10.14 -14.88
N TRP A 63 15.71 -9.84 -13.62
CA TRP A 63 14.85 -10.69 -12.82
C TRP A 63 13.40 -10.58 -13.30
N ALA A 64 12.96 -9.35 -13.52
CA ALA A 64 11.58 -9.07 -13.94
C ALA A 64 11.24 -9.77 -15.25
N LYS A 65 12.21 -9.83 -16.15
CA LYS A 65 12.04 -10.48 -17.44
C LYS A 65 11.82 -11.99 -17.31
N ARG A 66 12.15 -12.52 -16.14
CA ARG A 66 12.00 -13.95 -15.88
C ARG A 66 10.78 -14.24 -15.00
N VAL A 67 10.04 -13.20 -14.65
CA VAL A 67 8.77 -13.36 -13.95
C VAL A 67 7.70 -13.74 -14.97
N PRO A 68 7.08 -14.92 -14.79
CA PRO A 68 6.07 -15.43 -15.72
C PRO A 68 4.94 -14.43 -15.99
N GLY A 69 4.76 -14.08 -17.26
CA GLY A 69 3.72 -13.16 -17.66
C GLY A 69 4.25 -11.77 -18.01
N PHE A 70 5.36 -11.41 -17.39
CA PHE A 70 5.96 -10.09 -17.60
C PHE A 70 6.45 -9.92 -19.04
N VAL A 71 6.99 -10.99 -19.61
CA VAL A 71 7.51 -10.95 -20.97
C VAL A 71 6.39 -10.75 -22.00
N ASP A 72 5.18 -11.16 -21.64
CA ASP A 72 4.04 -11.05 -22.56
C ASP A 72 3.55 -9.61 -22.70
N LEU A 73 4.00 -8.75 -21.81
CA LEU A 73 3.61 -7.34 -21.84
C LEU A 73 4.38 -6.57 -22.90
N THR A 74 3.80 -5.47 -23.39
CA THR A 74 4.51 -4.60 -24.31
C THR A 74 5.70 -3.98 -23.58
N LEU A 75 6.69 -3.54 -24.36
CA LEU A 75 7.89 -2.94 -23.79
C LEU A 75 7.55 -1.73 -22.91
N HIS A 76 6.58 -0.94 -23.37
CA HIS A 76 6.16 0.25 -22.63
C HIS A 76 5.53 -0.10 -21.28
N ASP A 77 4.73 -1.16 -21.26
CA ASP A 77 4.11 -1.59 -20.01
C ASP A 77 5.15 -2.16 -19.05
N GLN A 78 6.15 -2.84 -19.60
CA GLN A 78 7.24 -3.37 -18.79
C GLN A 78 8.02 -2.24 -18.13
N VAL A 79 8.29 -1.18 -18.89
CA VAL A 79 8.97 0.01 -18.38
C VAL A 79 8.16 0.65 -17.27
N HIS A 80 6.86 0.84 -17.52
CA HIS A 80 5.97 1.48 -16.56
C HIS A 80 5.95 0.76 -15.21
N LEU A 81 5.77 -0.56 -15.25
CA LEU A 81 5.69 -1.35 -14.02
C LEU A 81 6.97 -1.27 -13.20
N LEU A 82 8.11 -1.39 -13.87
CA LEU A 82 9.40 -1.32 -13.19
C LEU A 82 9.66 0.06 -12.61
N GLU A 83 9.27 1.10 -13.36
CA GLU A 83 9.39 2.46 -12.89
C GLU A 83 8.57 2.70 -11.62
N CYS A 84 7.39 2.09 -11.56
CA CYS A 84 6.50 2.26 -10.42
C CYS A 84 6.94 1.46 -9.20
N ALA A 85 7.52 0.28 -9.44
CA ALA A 85 7.70 -0.70 -8.38
C ALA A 85 9.13 -0.86 -7.86
N TRP A 86 10.10 -0.25 -8.54
CA TRP A 86 11.51 -0.56 -8.26
C TRP A 86 11.94 -0.34 -6.82
N LEU A 87 11.49 0.73 -6.18
CA LEU A 87 11.90 0.98 -4.80
C LEU A 87 11.20 0.02 -3.83
N GLU A 88 9.94 -0.27 -4.09
CA GLU A 88 9.20 -1.27 -3.32
C GLU A 88 9.91 -2.63 -3.35
N ILE A 89 10.40 -2.99 -4.54
CA ILE A 89 11.06 -4.28 -4.73
C ILE A 89 12.40 -4.31 -4.00
N LEU A 90 13.14 -3.20 -4.05
CA LEU A 90 14.39 -3.09 -3.30
C LEU A 90 14.14 -3.20 -1.80
N MET A 91 13.05 -2.60 -1.36
CA MET A 91 12.70 -2.55 0.06
C MET A 91 12.29 -3.91 0.62
N ILE A 92 11.41 -4.62 -0.09
CA ILE A 92 10.96 -5.93 0.37
C ILE A 92 12.13 -6.91 0.34
N GLY A 93 13.07 -6.69 -0.57
CA GLY A 93 14.29 -7.48 -0.62
C GLY A 93 15.13 -7.20 0.60
N LEU A 94 15.28 -5.92 0.93
CA LEU A 94 16.02 -5.49 2.10
C LEU A 94 15.41 -6.07 3.37
N VAL A 95 14.10 -5.96 3.47
CA VAL A 95 13.35 -6.43 4.63
C VAL A 95 13.47 -7.95 4.79
N TRP A 96 13.42 -8.66 3.68
CA TRP A 96 13.54 -10.12 3.68
C TRP A 96 14.89 -10.60 4.21
N ARG A 97 15.97 -10.01 3.73
CA ARG A 97 17.30 -10.46 4.13
C ARG A 97 17.71 -9.87 5.48
N SER A 98 16.89 -8.96 6.00
CA SER A 98 17.15 -8.35 7.30
C SER A 98 16.44 -9.12 8.42
N MET A 99 15.62 -10.09 8.02
CA MET A 99 14.76 -10.82 8.96
C MET A 99 15.49 -11.41 10.16
N GLU A 100 16.59 -12.12 9.91
CA GLU A 100 17.29 -12.79 10.99
C GLU A 100 18.32 -11.88 11.64
N HIS A 101 18.14 -10.57 11.48
CA HIS A 101 18.95 -9.58 12.17
C HIS A 101 18.07 -8.52 12.82
N PRO A 102 17.34 -8.90 13.89
CA PRO A 102 16.38 -8.01 14.55
C PRO A 102 17.01 -6.70 15.02
N GLY A 103 16.31 -5.59 14.78
CA GLY A 103 16.81 -4.28 15.15
C GLY A 103 17.85 -3.76 14.18
N LYS A 104 18.14 -4.56 13.15
CA LYS A 104 19.19 -4.20 12.20
C LYS A 104 18.71 -4.35 10.76
N LEU A 105 19.26 -3.54 9.87
CA LEU A 105 18.95 -3.65 8.45
C LEU A 105 20.18 -4.10 7.66
N LEU A 106 20.05 -5.26 7.01
CA LEU A 106 21.14 -5.82 6.22
C LEU A 106 21.04 -5.37 4.76
N PHE A 107 21.57 -4.19 4.47
CA PHE A 107 21.60 -3.69 3.10
C PHE A 107 22.51 -4.58 2.25
N ALA A 108 23.57 -5.06 2.89
CA ALA A 108 24.50 -6.00 2.27
C ALA A 108 25.14 -6.83 3.37
N PRO A 109 25.63 -8.03 3.05
CA PRO A 109 26.28 -8.87 4.08
C PRO A 109 27.41 -8.13 4.79
N ASN A 110 28.06 -7.20 4.09
CA ASN A 110 29.13 -6.39 4.70
C ASN A 110 28.67 -4.97 4.99
N LEU A 111 27.35 -4.76 4.97
CA LEU A 111 26.79 -3.45 5.29
C LEU A 111 25.55 -3.61 6.18
N LEU A 112 25.80 -3.84 7.46
CA LEU A 112 24.73 -4.02 8.44
C LEU A 112 24.59 -2.75 9.26
N LEU A 113 23.38 -2.18 9.27
CA LEU A 113 23.16 -0.88 9.91
C LEU A 113 22.13 -0.95 11.03
N ASP A 114 22.41 -0.28 12.14
CA ASP A 114 21.42 -0.12 13.19
C ASP A 114 20.78 1.26 13.09
N ARG A 115 19.70 1.49 13.83
CA ARG A 115 18.97 2.74 13.71
C ARG A 115 19.79 3.93 14.23
N ASN A 116 20.85 3.63 14.97
CA ASN A 116 21.77 4.66 15.43
C ASN A 116 22.46 5.38 14.27
N GLN A 117 22.56 4.68 13.14
CA GLN A 117 23.13 5.26 11.92
C GLN A 117 22.04 5.89 11.06
N GLY A 118 20.80 5.53 11.33
CA GLY A 118 19.67 6.05 10.59
C GLY A 118 19.49 7.55 10.76
N LYS A 119 19.89 8.05 11.92
CA LYS A 119 19.67 9.41 12.32
C LYS A 119 20.41 10.33 11.41
N CYS A 120 21.42 9.81 10.77
CA CYS A 120 22.47 10.64 10.23
C CYS A 120 22.05 11.12 8.87
N VAL A 121 20.85 10.79 8.45
CA VAL A 121 20.07 11.69 7.66
C VAL A 121 18.66 11.87 8.20
N GLU A 122 18.02 12.97 7.79
CA GLU A 122 16.90 13.48 8.50
C GLU A 122 15.69 12.95 7.79
N GLY A 123 14.77 12.37 8.54
CA GLY A 123 13.70 11.60 7.96
C GLY A 123 14.06 10.18 7.59
N MET A 124 15.31 9.78 7.75
CA MET A 124 15.69 8.40 7.46
C MET A 124 15.27 7.45 8.58
N VAL A 125 15.46 7.90 9.82
CA VAL A 125 15.19 7.08 10.98
C VAL A 125 13.71 6.67 11.05
N GLU A 126 12.83 7.51 10.49
CA GLU A 126 11.42 7.19 10.43
C GLU A 126 11.17 6.03 9.47
N ILE A 127 11.80 6.09 8.30
CA ILE A 127 11.72 5.01 7.34
C ILE A 127 12.40 3.76 7.89
N PHE A 128 13.48 3.98 8.62
CA PHE A 128 14.27 2.91 9.22
C PHE A 128 13.42 2.06 10.15
N ASP A 129 12.66 2.72 11.01
CA ASP A 129 11.80 2.02 11.97
C ASP A 129 10.67 1.25 11.27
N MET A 130 10.13 1.84 10.19
CA MET A 130 9.09 1.19 9.41
C MET A 130 9.62 -0.08 8.76
N LEU A 131 10.83 -0.01 8.22
CA LEU A 131 11.47 -1.17 7.63
C LEU A 131 11.74 -2.24 8.69
N LEU A 132 12.22 -1.82 9.85
CA LEU A 132 12.46 -2.73 10.96
C LEU A 132 11.18 -3.42 11.40
N ALA A 133 10.08 -2.67 11.44
CA ALA A 133 8.78 -3.22 11.82
C ALA A 133 8.32 -4.26 10.80
N THR A 134 8.53 -3.96 9.52
CA THR A 134 8.17 -4.88 8.46
C THR A 134 8.94 -6.19 8.58
N SER A 135 10.25 -6.07 8.77
CA SER A 135 11.12 -7.22 8.90
C SER A 135 10.75 -8.07 10.10
N SER A 136 10.51 -7.39 11.23
CA SER A 136 10.10 -8.07 12.45
C SER A 136 8.77 -8.77 12.25
N ARG A 137 7.87 -8.12 11.50
CA ARG A 137 6.57 -8.68 11.17
C ARG A 137 6.72 -9.96 10.34
N PHE A 138 7.61 -9.92 9.36
CA PHE A 138 7.88 -11.08 8.52
C PHE A 138 8.46 -12.24 9.34
N ARG A 139 9.35 -11.90 10.27
CA ARG A 139 10.01 -12.91 11.09
C ARG A 139 9.01 -13.64 11.98
N MET A 140 8.11 -12.88 12.61
CA MET A 140 7.12 -13.47 13.50
C MET A 140 6.11 -14.33 12.73
N MET A 141 5.84 -13.94 11.48
CA MET A 141 4.94 -14.72 10.62
C MET A 141 5.61 -15.96 10.06
N ASN A 142 6.93 -16.04 10.25
CA ASN A 142 7.75 -17.11 9.67
C ASN A 142 7.58 -17.17 8.16
N LEU A 143 7.74 -16.02 7.51
CA LEU A 143 7.64 -15.92 6.07
C LEU A 143 8.65 -16.83 5.38
N GLN A 144 8.18 -17.62 4.42
CA GLN A 144 9.05 -18.53 3.69
C GLN A 144 9.53 -17.90 2.38
N GLY A 145 10.68 -18.37 1.90
CA GLY A 145 11.25 -17.87 0.66
C GLY A 145 10.30 -18.00 -0.52
N GLU A 146 9.55 -19.10 -0.54
CA GLU A 146 8.56 -19.34 -1.59
C GLU A 146 7.45 -18.30 -1.54
N GLU A 147 7.07 -17.91 -0.33
CA GLU A 147 6.05 -16.88 -0.15
C GLU A 147 6.60 -15.51 -0.52
N PHE A 148 7.86 -15.28 -0.18
CA PHE A 148 8.52 -14.00 -0.45
C PHE A 148 8.60 -13.70 -1.95
N VAL A 149 9.00 -14.69 -2.75
CA VAL A 149 9.16 -14.46 -4.18
C VAL A 149 7.81 -14.25 -4.86
N CYS A 150 6.75 -14.81 -4.29
CA CYS A 150 5.40 -14.56 -4.80
C CYS A 150 4.98 -13.11 -4.53
N LEU A 151 5.27 -12.64 -3.31
CA LEU A 151 4.92 -11.28 -2.91
C LEU A 151 5.66 -10.24 -3.75
N LYS A 152 6.92 -10.51 -4.05
CA LYS A 152 7.74 -9.58 -4.81
C LYS A 152 7.25 -9.46 -6.25
N SER A 153 6.79 -10.58 -6.80
CA SER A 153 6.23 -10.60 -8.15
C SER A 153 4.89 -9.87 -8.18
N ILE A 154 4.11 -10.02 -7.12
CA ILE A 154 2.85 -9.31 -6.99
C ILE A 154 3.10 -7.80 -7.02
N ILE A 155 4.10 -7.36 -6.27
CA ILE A 155 4.47 -5.94 -6.24
C ILE A 155 4.79 -5.42 -7.64
N LEU A 156 5.56 -6.20 -8.39
CA LEU A 156 5.92 -5.85 -9.76
C LEU A 156 4.68 -5.63 -10.64
N LEU A 157 3.77 -6.59 -10.61
CA LEU A 157 2.63 -6.59 -11.51
C LEU A 157 1.49 -5.67 -11.06
N ASN A 158 1.44 -5.38 -9.76
CA ASN A 158 0.31 -4.62 -9.22
C ASN A 158 0.55 -3.11 -9.14
N SER A 159 1.75 -2.72 -8.74
CA SER A 159 2.01 -1.33 -8.35
C SER A 159 1.78 -0.30 -9.45
N GLY A 160 1.75 -0.73 -10.70
CA GLY A 160 1.53 0.19 -11.79
C GLY A 160 0.34 -0.16 -12.67
N VAL A 161 -0.51 -1.06 -12.19
CA VAL A 161 -1.59 -1.60 -13.01
C VAL A 161 -2.75 -0.63 -13.21
N TYR A 162 -2.93 0.31 -12.29
CA TYR A 162 -4.02 1.27 -12.41
C TYR A 162 -3.57 2.61 -12.98
N THR A 163 -2.27 2.73 -13.26
CA THR A 163 -1.72 3.96 -13.83
C THR A 163 -1.55 3.83 -15.33
N LYS A 175 -4.44 -5.11 -19.39
CA LYS A 175 -4.83 -5.06 -17.97
C LYS A 175 -5.33 -6.41 -17.49
N ASP A 176 -6.20 -7.03 -18.28
CA ASP A 176 -6.78 -8.32 -17.93
C ASP A 176 -5.72 -9.41 -17.82
N HIS A 177 -4.70 -9.32 -18.67
CA HIS A 177 -3.60 -10.28 -18.62
C HIS A 177 -2.90 -10.25 -17.27
N ILE A 178 -2.57 -9.04 -16.81
CA ILE A 178 -1.90 -8.86 -15.53
C ILE A 178 -2.73 -9.41 -14.38
N HIS A 179 -4.04 -9.16 -14.43
CA HIS A 179 -4.93 -9.60 -13.37
C HIS A 179 -5.08 -11.12 -13.34
N ARG A 180 -4.99 -11.76 -14.50
CA ARG A 180 -5.02 -13.22 -14.55
C ARG A 180 -3.73 -13.78 -13.99
N VAL A 181 -2.61 -13.11 -14.29
CA VAL A 181 -1.32 -13.54 -13.76
C VAL A 181 -1.30 -13.31 -12.25
N LEU A 182 -1.89 -12.21 -11.80
CA LEU A 182 -1.99 -11.92 -10.37
C LEU A 182 -2.84 -12.97 -9.64
N ASP A 183 -3.94 -13.38 -10.27
CA ASP A 183 -4.77 -14.45 -9.73
C ASP A 183 -3.98 -15.75 -9.65
N LYS A 184 -3.16 -15.98 -10.67
CA LYS A 184 -2.31 -17.16 -10.73
C LYS A 184 -1.35 -17.21 -9.54
N ILE A 185 -0.81 -16.06 -9.16
CA ILE A 185 0.12 -15.99 -8.04
C ILE A 185 -0.63 -16.16 -6.71
N THR A 186 -1.86 -15.67 -6.66
CA THR A 186 -2.71 -15.90 -5.49
C THR A 186 -2.94 -17.39 -5.28
N ASP A 187 -3.27 -18.09 -6.37
CA ASP A 187 -3.43 -19.54 -6.34
C ASP A 187 -2.15 -20.20 -5.83
N THR A 188 -1.02 -19.70 -6.31
CA THR A 188 0.28 -20.22 -5.91
C THR A 188 0.53 -20.02 -4.42
N LEU A 189 0.20 -18.83 -3.93
CA LEU A 189 0.36 -18.51 -2.51
C LEU A 189 -0.45 -19.45 -1.61
N ILE A 190 -1.72 -19.63 -1.95
CA ILE A 190 -2.60 -20.53 -1.22
C ILE A 190 -2.07 -21.96 -1.28
N HIS A 191 -1.60 -22.36 -2.44
CA HIS A 191 -1.00 -23.68 -2.65
C HIS A 191 0.15 -23.94 -1.68
N LEU A 192 1.00 -22.93 -1.48
CA LEU A 192 2.13 -23.04 -0.57
C LEU A 192 1.67 -23.19 0.87
N MET A 193 0.62 -22.46 1.24
CA MET A 193 0.12 -22.49 2.60
C MET A 193 -0.59 -23.81 2.90
N ALA A 194 -1.26 -24.36 1.88
CA ALA A 194 -1.91 -25.66 2.02
C ALA A 194 -0.85 -26.75 2.17
N LYS A 195 0.22 -26.63 1.38
CA LYS A 195 1.34 -27.57 1.46
C LYS A 195 2.00 -27.52 2.83
N ALA A 196 1.96 -26.35 3.45
CA ALA A 196 2.54 -26.15 4.78
C ALA A 196 1.62 -26.66 5.88
N GLY A 197 0.46 -27.19 5.50
CA GLY A 197 -0.45 -27.80 6.44
C GLY A 197 -1.42 -26.86 7.12
N LEU A 198 -1.54 -25.64 6.58
CA LEU A 198 -2.45 -24.66 7.16
C LEU A 198 -3.91 -25.01 6.84
N THR A 199 -4.78 -24.79 7.82
CA THR A 199 -6.21 -25.02 7.63
C THR A 199 -6.78 -23.93 6.71
N LEU A 200 -7.98 -24.17 6.20
CA LEU A 200 -8.62 -23.25 5.26
C LEU A 200 -8.71 -21.82 5.81
N GLN A 201 -9.05 -21.70 7.09
CA GLN A 201 -9.15 -20.38 7.72
C GLN A 201 -7.77 -19.74 7.87
N GLN A 202 -6.79 -20.56 8.25
CA GLN A 202 -5.41 -20.08 8.37
C GLN A 202 -4.88 -19.62 7.03
N GLN A 203 -5.32 -20.27 5.97
CA GLN A 203 -4.87 -19.95 4.61
C GLN A 203 -5.29 -18.54 4.18
N HIS A 204 -6.57 -18.23 4.28
CA HIS A 204 -7.05 -16.93 3.80
C HIS A 204 -6.70 -15.81 4.78
N GLN A 205 -6.54 -16.16 6.06
CA GLN A 205 -6.12 -15.17 7.05
C GLN A 205 -4.67 -14.75 6.80
N ARG A 206 -3.81 -15.72 6.46
CA ARG A 206 -2.40 -15.43 6.20
C ARG A 206 -2.22 -14.65 4.90
N LEU A 207 -2.95 -15.05 3.87
CA LEU A 207 -2.93 -14.36 2.58
C LEU A 207 -3.27 -12.87 2.77
N ALA A 208 -4.30 -12.62 3.55
CA ALA A 208 -4.73 -11.25 3.85
C ALA A 208 -3.66 -10.49 4.62
N GLN A 209 -3.06 -11.15 5.60
CA GLN A 209 -1.98 -10.56 6.39
C GLN A 209 -0.81 -10.13 5.52
N LEU A 210 -0.41 -11.00 4.60
CA LEU A 210 0.73 -10.73 3.72
C LEU A 210 0.43 -9.57 2.78
N LEU A 211 -0.78 -9.56 2.22
CA LEU A 211 -1.14 -8.54 1.23
C LEU A 211 -1.33 -7.16 1.86
N LEU A 212 -1.73 -7.14 3.13
CA LEU A 212 -1.89 -5.87 3.84
C LEU A 212 -0.53 -5.23 4.14
N ILE A 213 0.48 -6.08 4.29
CA ILE A 213 1.84 -5.58 4.51
C ILE A 213 2.35 -4.87 3.25
N LEU A 214 1.87 -5.31 2.08
CA LEU A 214 2.22 -4.68 0.82
C LEU A 214 1.77 -3.21 0.79
N SER A 215 0.68 -2.91 1.50
CA SER A 215 0.19 -1.54 1.60
CA SER A 215 0.19 -1.54 1.60
C SER A 215 1.21 -0.66 2.31
N HIS A 216 1.83 -1.22 3.35
CA HIS A 216 2.83 -0.51 4.14
CA HIS A 216 2.82 -0.47 4.11
C HIS A 216 4.14 -0.38 3.37
N ILE A 217 4.43 -1.37 2.53
CA ILE A 217 5.63 -1.32 1.70
C ILE A 217 5.46 -0.22 0.66
N ARG A 218 4.24 -0.07 0.14
CA ARG A 218 3.93 1.03 -0.76
C ARG A 218 4.13 2.37 -0.06
N HIS A 219 3.68 2.45 1.20
CA HIS A 219 3.81 3.66 2.00
C HIS A 219 5.27 4.05 2.19
N MET A 220 6.08 3.08 2.60
CA MET A 220 7.51 3.33 2.80
C MET A 220 8.17 3.79 1.52
N SER A 221 7.76 3.19 0.41
CA SER A 221 8.29 3.56 -0.90
C SER A 221 7.93 4.99 -1.29
N ASN A 222 6.67 5.37 -1.06
CA ASN A 222 6.23 6.73 -1.34
C ASN A 222 7.05 7.74 -0.56
N LYS A 223 7.28 7.42 0.72
CA LYS A 223 8.06 8.27 1.60
C LYS A 223 9.52 8.31 1.19
N GLY A 224 10.09 7.13 0.92
CA GLY A 224 11.48 7.03 0.52
C GLY A 224 11.76 7.72 -0.80
N MET A 225 10.85 7.57 -1.75
CA MET A 225 10.97 8.22 -3.04
C MET A 225 11.02 9.73 -2.89
N GLU A 226 10.26 10.23 -1.92
CA GLU A 226 10.18 11.65 -1.62
C GLU A 226 11.54 12.19 -1.15
N HIS A 227 12.30 11.33 -0.45
CA HIS A 227 13.59 11.73 0.08
C HIS A 227 14.69 11.60 -0.97
N LEU A 228 14.52 10.68 -1.92
CA LEU A 228 15.47 10.54 -3.01
C LEU A 228 15.41 11.76 -3.92
N TYR A 229 14.24 12.41 -3.95
CA TYR A 229 14.09 13.67 -4.68
C TYR A 229 14.77 14.80 -3.94
N SER A 230 14.65 14.80 -2.61
CA SER A 230 15.28 15.82 -1.78
C SER A 230 16.80 15.72 -1.86
N MET A 231 17.29 14.52 -1.95
CA MET A 231 18.70 14.26 -2.06
C MET A 231 19.18 14.67 -3.42
N LYS A 232 18.38 14.45 -4.39
CA LYS A 232 18.69 14.88 -5.75
C LYS A 232 18.64 16.41 -5.81
N CYS A 233 17.57 17.02 -5.32
CA CYS A 233 17.48 18.46 -5.25
C CYS A 233 18.07 18.75 -3.91
N LYS A 234 19.21 18.13 -3.64
CA LYS A 234 20.25 18.67 -2.78
C LYS A 234 21.63 18.56 -3.42
N ASN A 235 21.73 17.88 -4.54
CA ASN A 235 23.02 17.68 -5.18
C ASN A 235 24.10 17.03 -4.33
N VAL A 236 23.69 15.99 -3.64
CA VAL A 236 24.50 15.39 -2.62
C VAL A 236 25.47 14.37 -3.23
N VAL A 237 24.98 13.19 -3.58
CA VAL A 237 25.80 12.16 -4.22
C VAL A 237 25.61 12.28 -5.73
N PRO A 238 26.65 11.94 -6.52
CA PRO A 238 26.33 11.80 -7.94
C PRO A 238 25.33 10.67 -8.19
N LEU A 239 24.11 11.03 -8.57
CA LEU A 239 23.10 10.05 -8.93
C LEU A 239 23.30 9.60 -10.37
N SER A 240 23.24 8.30 -10.60
CA SER A 240 23.36 7.76 -11.95
C SER A 240 22.17 8.18 -12.80
N ASP A 241 22.38 8.19 -14.11
CA ASP A 241 21.32 8.57 -15.05
C ASP A 241 20.15 7.61 -15.00
N LEU A 242 20.44 6.32 -14.84
CA LEU A 242 19.39 5.32 -14.71
C LEU A 242 18.50 5.63 -13.51
N LEU A 243 19.13 5.84 -12.36
CA LEU A 243 18.40 6.20 -11.15
C LEU A 243 17.61 7.48 -11.32
N LEU A 244 18.24 8.49 -11.92
CA LEU A 244 17.59 9.79 -12.16
C LEU A 244 16.35 9.64 -13.02
N GLU A 245 16.38 8.68 -13.94
CA GLU A 245 15.25 8.43 -14.82
C GLU A 245 14.19 7.56 -14.12
N MET A 246 14.64 6.63 -13.29
CA MET A 246 13.71 5.84 -12.47
C MET A 246 13.03 6.76 -11.47
N LEU A 247 13.79 7.75 -10.99
CA LEU A 247 13.29 8.70 -10.00
C LEU A 247 12.30 9.70 -10.57
N ASP A 248 12.57 10.19 -11.77
CA ASP A 248 11.78 11.26 -12.37
C ASP A 248 10.44 10.76 -12.89
N ALA A 249 10.30 9.44 -12.99
CA ALA A 249 9.04 8.83 -13.40
C ALA A 249 7.99 9.00 -12.31
N HIS A 250 8.45 9.32 -11.10
CA HIS A 250 7.55 9.53 -9.97
C HIS A 250 7.33 11.01 -9.69
N ARG A 251 7.87 11.87 -10.55
CA ARG A 251 7.71 13.32 -10.38
C ARG A 251 6.26 13.73 -10.60
N LEU A 252 5.86 14.81 -9.92
CA LEU A 252 4.49 15.31 -10.01
C LEU A 252 4.18 15.82 -11.41
N SER B 8 -14.97 -7.19 25.36
CA SER B 8 -14.12 -7.92 24.45
C SER B 8 -14.90 -8.25 23.20
N LEU B 9 -15.95 -7.49 22.97
CA LEU B 9 -17.09 -7.90 22.17
C LEU B 9 -16.66 -8.18 20.75
N ALA B 10 -15.72 -7.39 20.27
CA ALA B 10 -15.36 -7.42 18.89
C ALA B 10 -15.07 -8.81 18.43
N LEU B 11 -14.45 -9.60 19.29
CA LEU B 11 -13.95 -10.92 18.91
C LEU B 11 -14.98 -12.02 19.13
N SER B 12 -16.19 -11.64 19.51
CA SER B 12 -17.25 -12.64 19.74
C SER B 12 -18.39 -12.52 18.73
N LEU B 13 -18.20 -11.67 17.72
CA LEU B 13 -19.23 -11.45 16.70
C LEU B 13 -19.16 -12.45 15.56
N THR B 14 -20.32 -12.90 15.10
CA THR B 14 -20.36 -13.74 13.90
C THR B 14 -20.13 -12.85 12.68
N ALA B 15 -19.93 -13.47 11.53
CA ALA B 15 -19.68 -12.73 10.30
C ALA B 15 -20.88 -11.86 9.93
N ASP B 16 -22.09 -12.42 10.09
CA ASP B 16 -23.31 -11.69 9.78
C ASP B 16 -23.52 -10.51 10.72
N GLN B 17 -23.16 -10.70 11.99
CA GLN B 17 -23.26 -9.64 12.99
C GLN B 17 -22.23 -8.55 12.73
N MET B 18 -21.06 -8.97 12.24
CA MET B 18 -20.00 -8.03 11.89
C MET B 18 -20.45 -7.12 10.75
N VAL B 19 -20.99 -7.70 9.69
CA VAL B 19 -21.53 -6.94 8.56
C VAL B 19 -22.63 -6.01 9.02
N SER B 20 -23.55 -6.54 9.82
CA SER B 20 -24.67 -5.78 10.36
C SER B 20 -24.19 -4.54 11.10
N ALA B 21 -23.19 -4.72 11.95
CA ALA B 21 -22.64 -3.62 12.75
C ALA B 21 -21.98 -2.56 11.87
N LEU B 22 -21.28 -3.01 10.83
CA LEU B 22 -20.56 -2.09 9.95
C LEU B 22 -21.52 -1.29 9.08
N LEU B 23 -22.54 -1.95 8.55
CA LEU B 23 -23.56 -1.28 7.75
C LEU B 23 -24.30 -0.25 8.61
N ASP B 24 -24.51 -0.61 9.86
CA ASP B 24 -25.19 0.24 10.83
C ASP B 24 -24.37 1.49 11.14
N ALA B 25 -23.05 1.35 11.11
CA ALA B 25 -22.15 2.43 11.50
C ALA B 25 -21.92 3.43 10.38
N GLU B 26 -22.38 3.09 9.19
CA GLU B 26 -22.12 3.88 7.98
C GLU B 26 -22.54 5.34 8.13
N PRO B 27 -21.61 6.26 7.83
CA PRO B 27 -21.87 7.71 7.88
C PRO B 27 -22.83 8.14 6.77
N PRO B 28 -23.49 9.29 6.93
CA PRO B 28 -24.39 9.80 5.89
C PRO B 28 -23.65 10.42 4.72
N ILE B 29 -24.31 10.54 3.58
CA ILE B 29 -23.74 11.24 2.44
C ILE B 29 -24.08 12.73 2.56
N LEU B 30 -23.05 13.55 2.72
CA LEU B 30 -23.26 14.98 2.95
C LEU B 30 -23.31 15.75 1.64
N TYR B 31 -24.01 16.88 1.66
CA TYR B 31 -24.06 17.77 0.51
C TYR B 31 -22.97 18.83 0.60
N SER B 32 -22.54 19.33 -0.55
CA SER B 32 -21.61 20.45 -0.58
C SER B 32 -22.37 21.75 -0.74
N GLU B 33 -21.64 22.85 -0.91
CA GLU B 33 -22.26 24.15 -1.09
C GLU B 33 -22.10 24.62 -2.53
N TYR B 34 -22.01 23.66 -3.44
CA TYR B 34 -21.86 23.96 -4.87
C TYR B 34 -23.09 24.65 -5.43
N ASP B 35 -22.86 25.77 -6.12
CA ASP B 35 -23.92 26.48 -6.80
C ASP B 35 -23.62 26.54 -8.29
N PRO B 36 -24.41 25.79 -9.10
CA PRO B 36 -24.25 25.67 -10.55
C PRO B 36 -24.21 27.02 -11.28
N THR B 37 -24.90 28.01 -10.75
CA THR B 37 -24.99 29.31 -11.40
C THR B 37 -23.77 30.19 -11.12
N ARG B 38 -23.15 29.98 -9.97
CA ARG B 38 -21.99 30.74 -9.55
C ARG B 38 -20.75 30.34 -10.35
N PRO B 39 -19.89 31.31 -10.70
CA PRO B 39 -18.59 30.99 -11.31
C PRO B 39 -17.58 30.60 -10.24
N PHE B 40 -16.68 29.67 -10.54
CA PHE B 40 -15.71 29.24 -9.55
C PHE B 40 -14.27 29.22 -10.03
N SER B 41 -13.39 29.70 -9.15
CA SER B 41 -11.95 29.64 -9.38
C SER B 41 -11.41 28.35 -8.78
N GLU B 42 -10.12 28.11 -8.96
CA GLU B 42 -9.47 26.95 -8.37
C GLU B 42 -9.47 27.06 -6.85
N ALA B 43 -9.53 28.30 -6.35
CA ALA B 43 -9.53 28.55 -4.92
C ALA B 43 -10.87 28.19 -4.28
N SER B 44 -11.96 28.54 -4.96
CA SER B 44 -13.30 28.29 -4.44
C SER B 44 -13.69 26.82 -4.55
N MET B 45 -13.15 26.14 -5.55
CA MET B 45 -13.40 24.71 -5.73
C MET B 45 -12.73 23.91 -4.61
N MET B 46 -11.51 24.30 -4.27
CA MET B 46 -10.81 23.69 -3.15
C MET B 46 -11.49 24.06 -1.83
N GLY B 47 -12.09 25.25 -1.81
CA GLY B 47 -12.84 25.69 -0.65
C GLY B 47 -14.05 24.82 -0.41
N LEU B 48 -14.78 24.51 -1.48
CA LEU B 48 -15.93 23.63 -1.41
C LEU B 48 -15.54 22.25 -0.88
N LEU B 49 -14.45 21.71 -1.41
CA LEU B 49 -14.00 20.37 -1.04
C LEU B 49 -13.47 20.32 0.39
N THR B 50 -12.78 21.38 0.80
CA THR B 50 -12.27 21.48 2.16
C THR B 50 -13.44 21.55 3.15
N ASN B 51 -14.43 22.38 2.84
CA ASN B 51 -15.62 22.47 3.67
C ASN B 51 -16.32 21.12 3.77
N LEU B 52 -16.43 20.43 2.64
CA LEU B 52 -17.06 19.11 2.60
C LEU B 52 -16.27 18.08 3.40
N ALA B 53 -14.98 17.98 3.11
CA ALA B 53 -14.12 17.01 3.78
C ALA B 53 -14.10 17.23 5.29
N ASP B 54 -14.03 18.50 5.69
CA ASP B 54 -13.99 18.85 7.10
C ASP B 54 -15.23 18.39 7.85
N ARG B 55 -16.38 18.50 7.21
CA ARG B 55 -17.64 18.05 7.80
C ARG B 55 -17.72 16.52 7.81
N GLU B 56 -17.14 15.88 6.81
CA GLU B 56 -17.12 14.42 6.74
C GLU B 56 -16.30 13.82 7.87
N LEU B 57 -15.22 14.51 8.25
CA LEU B 57 -14.33 14.03 9.31
C LEU B 57 -15.05 13.83 10.63
N VAL B 58 -15.97 14.73 10.94
CA VAL B 58 -16.74 14.65 12.17
C VAL B 58 -17.57 13.37 12.22
N HIS B 59 -18.19 13.03 11.08
CA HIS B 59 -18.97 11.81 10.97
C HIS B 59 -18.05 10.57 10.96
N MET B 60 -16.88 10.70 10.35
CA MET B 60 -15.92 9.60 10.29
C MET B 60 -15.48 9.20 11.68
N ILE B 61 -15.23 10.20 12.53
CA ILE B 61 -14.79 9.96 13.91
C ILE B 61 -15.82 9.13 14.68
N ASN B 62 -17.09 9.50 14.53
CA ASN B 62 -18.17 8.76 15.19
C ASN B 62 -18.37 7.38 14.57
N TRP B 63 -18.14 7.28 13.26
CA TRP B 63 -18.20 5.99 12.59
C TRP B 63 -17.10 5.08 13.09
N ALA B 64 -15.90 5.64 13.26
CA ALA B 64 -14.74 4.89 13.70
C ALA B 64 -14.97 4.25 15.07
N LYS B 65 -15.66 4.98 15.93
CA LYS B 65 -15.94 4.51 17.28
C LYS B 65 -16.93 3.34 17.27
N ARG B 66 -17.69 3.21 16.18
CA ARG B 66 -18.66 2.13 16.06
C ARG B 66 -18.07 0.95 15.30
N VAL B 67 -16.83 1.10 14.83
CA VAL B 67 -16.11 -0.01 14.23
C VAL B 67 -15.64 -0.96 15.33
N PRO B 68 -16.12 -2.22 15.30
CA PRO B 68 -15.83 -3.22 16.34
C PRO B 68 -14.35 -3.35 16.65
N GLY B 69 -13.98 -3.09 17.90
CA GLY B 69 -12.60 -3.22 18.34
C GLY B 69 -11.88 -1.89 18.51
N PHE B 70 -12.36 -0.86 17.82
CA PHE B 70 -11.69 0.43 17.82
C PHE B 70 -11.69 1.10 19.20
N VAL B 71 -12.81 0.99 19.92
CA VAL B 71 -12.92 1.61 21.24
C VAL B 71 -12.16 0.82 22.30
N ASP B 72 -11.78 -0.42 21.96
CA ASP B 72 -10.97 -1.22 22.86
C ASP B 72 -9.56 -0.65 22.94
N LEU B 73 -9.21 0.16 21.96
CA LEU B 73 -7.88 0.75 21.88
C LEU B 73 -7.77 1.96 22.78
N THR B 74 -6.54 2.27 23.19
CA THR B 74 -6.30 3.49 23.93
C THR B 74 -6.63 4.67 23.04
N LEU B 75 -6.95 5.78 23.69
CA LEU B 75 -7.22 7.04 23.00
C LEU B 75 -6.08 7.47 22.08
N HIS B 76 -4.85 7.33 22.52
CA HIS B 76 -3.73 7.76 21.74
C HIS B 76 -3.61 6.94 20.46
N ASP B 77 -3.92 5.66 20.54
CA ASP B 77 -3.86 4.77 19.38
C ASP B 77 -5.01 5.06 18.42
N GLN B 78 -6.15 5.46 18.97
CA GLN B 78 -7.30 5.84 18.15
C GLN B 78 -6.97 7.08 17.32
N VAL B 79 -6.34 8.06 17.96
CA VAL B 79 -5.92 9.28 17.28
C VAL B 79 -4.97 8.97 16.13
N HIS B 80 -3.99 8.12 16.42
CA HIS B 80 -2.96 7.78 15.44
C HIS B 80 -3.54 7.08 14.21
N LEU B 81 -4.44 6.12 14.43
CA LEU B 81 -5.06 5.39 13.33
C LEU B 81 -5.85 6.30 12.41
N LEU B 82 -6.60 7.22 13.00
CA LEU B 82 -7.40 8.17 12.23
C LEU B 82 -6.51 9.19 11.51
N GLU B 83 -5.44 9.62 12.18
CA GLU B 83 -4.49 10.53 11.56
C GLU B 83 -3.85 9.92 10.32
N CYS B 84 -3.61 8.62 10.36
CA CYS B 84 -2.94 7.93 9.26
C CYS B 84 -3.88 7.61 8.11
N ALA B 85 -5.16 7.35 8.43
CA ALA B 85 -6.07 6.77 7.46
C ALA B 85 -7.17 7.71 6.96
N TRP B 86 -7.26 8.92 7.50
CA TRP B 86 -8.40 9.78 7.22
C TRP B 86 -8.59 10.09 5.73
N LEU B 87 -7.50 10.33 5.02
CA LEU B 87 -7.58 10.65 3.60
C LEU B 87 -7.94 9.41 2.78
N GLU B 88 -7.34 8.27 3.13
CA GLU B 88 -7.66 7.00 2.49
C GLU B 88 -9.14 6.67 2.61
N ILE B 89 -9.69 6.89 3.80
CA ILE B 89 -11.08 6.58 4.09
C ILE B 89 -12.02 7.52 3.33
N LEU B 90 -11.65 8.79 3.25
CA LEU B 90 -12.41 9.75 2.44
C LEU B 90 -12.39 9.33 0.98
N MET B 91 -11.22 8.88 0.51
CA MET B 91 -11.04 8.50 -0.89
C MET B 91 -11.84 7.26 -1.27
N ILE B 92 -11.79 6.23 -0.44
CA ILE B 92 -12.51 4.99 -0.72
C ILE B 92 -14.02 5.23 -0.64
N GLY B 93 -14.41 6.21 0.17
CA GLY B 93 -15.82 6.58 0.25
C GLY B 93 -16.24 7.27 -1.02
N LEU B 94 -15.39 8.17 -1.50
CA LEU B 94 -15.63 8.89 -2.74
C LEU B 94 -15.70 7.93 -3.92
N VAL B 95 -14.77 6.99 -3.96
CA VAL B 95 -14.68 6.01 -5.02
C VAL B 95 -15.91 5.09 -5.04
N TRP B 96 -16.40 4.73 -3.86
CA TRP B 96 -17.58 3.86 -3.75
C TRP B 96 -18.85 4.51 -4.29
N ARG B 97 -19.08 5.77 -3.92
CA ARG B 97 -20.31 6.44 -4.35
C ARG B 97 -20.18 6.99 -5.76
N SER B 98 -19.01 6.79 -6.37
CA SER B 98 -18.77 7.25 -7.73
C SER B 98 -18.80 6.11 -8.75
N MET B 99 -18.96 4.89 -8.24
CA MET B 99 -18.98 3.68 -9.08
C MET B 99 -19.93 3.78 -10.26
N GLU B 100 -21.17 4.18 -9.97
CA GLU B 100 -22.23 4.22 -10.97
C GLU B 100 -22.22 5.54 -11.76
N HIS B 101 -21.10 6.26 -11.70
CA HIS B 101 -20.92 7.45 -12.50
C HIS B 101 -19.57 7.41 -13.23
N PRO B 102 -19.47 6.57 -14.27
CA PRO B 102 -18.21 6.38 -15.00
C PRO B 102 -17.66 7.68 -15.59
N GLY B 103 -16.38 7.95 -15.35
CA GLY B 103 -15.75 9.17 -15.81
C GLY B 103 -16.00 10.37 -14.92
N LYS B 104 -16.66 10.13 -13.79
CA LYS B 104 -17.05 11.19 -12.86
C LYS B 104 -16.73 10.78 -11.42
N LEU B 105 -16.49 11.75 -10.58
CA LEU B 105 -16.43 11.54 -9.15
C LEU B 105 -17.53 12.28 -8.43
N LEU B 106 -18.35 11.55 -7.71
CA LEU B 106 -19.45 12.13 -6.96
C LEU B 106 -18.99 12.51 -5.56
N PHE B 107 -18.39 13.69 -5.43
CA PHE B 107 -17.97 14.20 -4.12
C PHE B 107 -19.18 14.38 -3.23
N ALA B 108 -20.28 14.83 -3.86
CA ALA B 108 -21.55 15.00 -3.17
C ALA B 108 -22.66 14.85 -4.22
N PRO B 109 -23.88 14.49 -3.78
CA PRO B 109 -25.01 14.37 -4.71
C PRO B 109 -25.22 15.61 -5.56
N ASN B 110 -24.82 16.77 -5.06
CA ASN B 110 -24.91 18.02 -5.81
C ASN B 110 -23.55 18.48 -6.34
N LEU B 111 -22.58 17.58 -6.33
CA LEU B 111 -21.23 17.90 -6.78
C LEU B 111 -20.59 16.73 -7.53
N LEU B 112 -20.84 16.68 -8.83
CA LEU B 112 -20.33 15.61 -9.69
C LEU B 112 -19.35 16.18 -10.72
N LEU B 113 -18.09 15.78 -10.64
CA LEU B 113 -17.06 16.38 -11.47
C LEU B 113 -16.35 15.38 -12.40
N ASP B 114 -15.97 15.86 -13.59
CA ASP B 114 -15.11 15.10 -14.50
C ASP B 114 -13.71 15.72 -14.49
N ARG B 115 -12.78 15.12 -15.22
CA ARG B 115 -11.36 15.46 -15.07
C ARG B 115 -11.02 16.85 -15.60
N ASN B 116 -11.93 17.41 -16.37
CA ASN B 116 -11.76 18.77 -16.87
C ASN B 116 -11.70 19.77 -15.73
N GLN B 117 -12.42 19.49 -14.66
CA GLN B 117 -12.38 20.33 -13.46
C GLN B 117 -11.48 19.72 -12.39
N MET B 124 -3.81 17.94 -8.90
CA MET B 124 -5.04 17.30 -8.45
C MET B 124 -5.61 16.38 -9.53
N VAL B 125 -5.39 16.74 -10.78
CA VAL B 125 -5.90 15.97 -11.90
C VAL B 125 -5.23 14.59 -11.95
N GLU B 126 -4.04 14.49 -11.38
CA GLU B 126 -3.33 13.22 -11.28
C GLU B 126 -4.04 12.30 -10.29
N ILE B 127 -4.41 12.85 -9.13
CA ILE B 127 -5.12 12.09 -8.11
C ILE B 127 -6.51 11.74 -8.61
N PHE B 128 -7.12 12.67 -9.30
CA PHE B 128 -8.43 12.51 -9.87
C PHE B 128 -8.47 11.31 -10.78
N ASP B 129 -7.50 11.23 -11.65
CA ASP B 129 -7.34 10.12 -12.59
C ASP B 129 -7.24 8.78 -11.87
N MET B 130 -6.44 8.74 -10.81
CA MET B 130 -6.25 7.51 -10.05
C MET B 130 -7.52 7.13 -9.30
N LEU B 131 -8.28 8.13 -8.86
CA LEU B 131 -9.54 7.88 -8.18
C LEU B 131 -10.57 7.33 -9.15
N LEU B 132 -10.56 7.86 -10.38
CA LEU B 132 -11.43 7.36 -11.44
C LEU B 132 -11.09 5.90 -11.79
N ALA B 133 -9.79 5.61 -11.87
CA ALA B 133 -9.34 4.27 -12.19
C ALA B 133 -9.76 3.27 -11.11
N THR B 134 -9.67 3.70 -9.86
CA THR B 134 -10.09 2.87 -8.73
C THR B 134 -11.59 2.63 -8.78
N SER B 135 -12.34 3.67 -9.12
CA SER B 135 -13.79 3.56 -9.22
C SER B 135 -14.17 2.60 -10.34
N SER B 136 -13.50 2.75 -11.48
CA SER B 136 -13.70 1.85 -12.61
C SER B 136 -13.36 0.42 -12.22
N ARG B 137 -12.32 0.27 -11.40
CA ARG B 137 -11.89 -1.03 -10.92
C ARG B 137 -12.94 -1.68 -10.02
N PHE B 138 -13.53 -0.90 -9.12
CA PHE B 138 -14.59 -1.40 -8.26
C PHE B 138 -15.82 -1.81 -9.05
N ARG B 139 -16.15 -1.02 -10.07
CA ARG B 139 -17.31 -1.29 -10.91
C ARG B 139 -17.18 -2.60 -11.68
N MET B 140 -15.99 -2.82 -12.24
CA MET B 140 -15.71 -4.03 -12.99
C MET B 140 -15.80 -5.29 -12.13
N MET B 141 -15.41 -5.14 -10.86
CA MET B 141 -15.48 -6.25 -9.91
C MET B 141 -16.87 -6.40 -9.31
N ASN B 142 -17.74 -5.42 -9.60
CA ASN B 142 -19.06 -5.35 -8.98
C ASN B 142 -18.95 -5.42 -7.46
N LEU B 143 -18.20 -4.47 -6.90
CA LEU B 143 -17.99 -4.40 -5.46
C LEU B 143 -19.31 -4.24 -4.72
N GLN B 144 -19.53 -5.09 -3.72
CA GLN B 144 -20.75 -5.04 -2.93
C GLN B 144 -20.57 -4.09 -1.74
N GLY B 145 -21.68 -3.54 -1.25
CA GLY B 145 -21.66 -2.64 -0.12
C GLY B 145 -21.12 -3.30 1.13
N GLU B 146 -21.42 -4.58 1.29
CA GLU B 146 -20.95 -5.35 2.44
C GLU B 146 -19.44 -5.53 2.38
N GLU B 147 -18.90 -5.58 1.17
CA GLU B 147 -17.46 -5.70 0.97
C GLU B 147 -16.78 -4.36 1.19
N PHE B 148 -17.44 -3.29 0.76
CA PHE B 148 -16.90 -1.94 0.90
C PHE B 148 -16.69 -1.55 2.36
N VAL B 149 -17.68 -1.84 3.21
CA VAL B 149 -17.59 -1.48 4.61
C VAL B 149 -16.52 -2.30 5.34
N CYS B 150 -16.27 -3.51 4.85
CA CYS B 150 -15.18 -4.33 5.38
C CYS B 150 -13.84 -3.70 5.03
N LEU B 151 -13.71 -3.28 3.79
CA LEU B 151 -12.49 -2.69 3.30
C LEU B 151 -12.14 -1.42 4.03
N LYS B 152 -13.15 -0.59 4.25
CA LYS B 152 -12.98 0.70 4.90
C LYS B 152 -12.54 0.54 6.34
N SER B 153 -13.10 -0.47 7.03
CA SER B 153 -12.73 -0.77 8.40
C SER B 153 -11.31 -1.30 8.47
N ILE B 154 -10.94 -2.09 7.48
CA ILE B 154 -9.58 -2.60 7.37
C ILE B 154 -8.59 -1.46 7.27
N ILE B 155 -8.88 -0.51 6.38
CA ILE B 155 -8.02 0.67 6.20
C ILE B 155 -7.80 1.41 7.51
N LEU B 156 -8.89 1.67 8.23
CA LEU B 156 -8.82 2.36 9.52
C LEU B 156 -7.90 1.64 10.50
N LEU B 157 -7.98 0.31 10.54
CA LEU B 157 -7.23 -0.48 11.51
C LEU B 157 -5.82 -0.81 11.05
N ASN B 158 -5.62 -0.90 9.74
CA ASN B 158 -4.33 -1.34 9.21
C ASN B 158 -3.35 -0.22 8.91
N SER B 159 -3.84 0.91 8.39
CA SER B 159 -2.97 1.94 7.83
C SER B 159 -1.90 2.48 8.79
N GLY B 160 -2.20 2.49 10.08
CA GLY B 160 -1.26 3.03 11.05
C GLY B 160 -0.68 2.01 12.02
N VAL B 161 -0.99 0.74 11.79
CA VAL B 161 -0.66 -0.31 12.75
C VAL B 161 0.84 -0.59 12.85
N TYR B 162 1.62 -0.19 11.84
CA TYR B 162 3.06 -0.43 11.85
C TYR B 162 3.89 0.84 12.06
N THR B 163 3.26 1.88 12.57
CA THR B 163 3.95 3.15 12.79
C THR B 163 3.63 3.77 14.14
N PHE B 164 3.29 2.92 15.11
CA PHE B 164 3.00 3.38 16.47
C PHE B 164 4.22 4.05 17.10
N LEU B 169 7.26 0.45 23.31
CA LEU B 169 6.90 0.54 24.72
C LEU B 169 6.18 -0.71 25.29
N LYS B 170 6.37 -1.85 24.66
CA LYS B 170 5.86 -3.10 25.19
C LYS B 170 4.34 -3.05 25.29
N SER B 171 3.74 -2.34 24.35
CA SER B 171 2.31 -2.12 24.28
C SER B 171 1.65 -3.21 23.45
N LEU B 172 2.46 -4.12 22.96
CA LEU B 172 2.46 -4.70 21.66
C LEU B 172 1.19 -5.45 21.66
N GLU B 173 0.63 -5.61 22.86
CA GLU B 173 -0.68 -6.19 22.94
C GLU B 173 -1.73 -5.39 22.17
N GLU B 174 -1.60 -4.09 22.11
CA GLU B 174 -2.51 -3.29 21.30
C GLU B 174 -2.45 -3.69 19.84
N LYS B 175 -1.25 -3.90 19.33
CA LYS B 175 -1.00 -4.38 17.97
C LYS B 175 -1.63 -5.75 17.75
N ASP B 176 -1.53 -6.60 18.77
CA ASP B 176 -2.07 -7.95 18.72
C ASP B 176 -3.60 -7.94 18.62
N HIS B 177 -4.24 -7.06 19.38
CA HIS B 177 -5.69 -6.96 19.38
C HIS B 177 -6.20 -6.48 18.03
N ILE B 178 -5.51 -5.51 17.44
CA ILE B 178 -5.88 -4.97 16.13
C ILE B 178 -5.80 -6.05 15.05
N HIS B 179 -4.76 -6.87 15.11
CA HIS B 179 -4.56 -7.93 14.13
C HIS B 179 -5.62 -9.03 14.25
N ARG B 180 -6.07 -9.30 15.47
CA ARG B 180 -7.14 -10.27 15.68
C ARG B 180 -8.44 -9.77 15.07
N VAL B 181 -8.73 -8.49 15.26
CA VAL B 181 -9.92 -7.88 14.66
C VAL B 181 -9.78 -7.89 13.14
N LEU B 182 -8.58 -7.59 12.66
CA LEU B 182 -8.29 -7.62 11.23
C LEU B 182 -8.56 -9.00 10.63
N ASP B 183 -8.13 -10.05 11.32
CA ASP B 183 -8.35 -11.42 10.89
C ASP B 183 -9.84 -11.73 10.83
N LYS B 184 -10.58 -11.12 11.73
CA LYS B 184 -12.03 -11.29 11.77
C LYS B 184 -12.72 -10.70 10.56
N ILE B 185 -12.29 -9.51 10.16
CA ILE B 185 -12.84 -8.86 8.98
C ILE B 185 -12.50 -9.67 7.73
N THR B 186 -11.36 -10.34 7.75
CA THR B 186 -10.98 -11.25 6.67
C THR B 186 -11.92 -12.45 6.61
N ASP B 187 -12.20 -13.02 7.78
CA ASP B 187 -13.17 -14.11 7.89
C ASP B 187 -14.52 -13.67 7.35
N THR B 188 -14.91 -12.45 7.71
CA THR B 188 -16.16 -11.87 7.28
C THR B 188 -16.23 -11.71 5.77
N LEU B 189 -15.12 -11.24 5.18
CA LEU B 189 -15.03 -11.09 3.73
C LEU B 189 -15.22 -12.42 3.01
N ILE B 190 -14.48 -13.43 3.47
CA ILE B 190 -14.58 -14.78 2.90
C ILE B 190 -16.00 -15.31 3.02
N HIS B 191 -16.60 -15.12 4.19
CA HIS B 191 -17.99 -15.48 4.45
C HIS B 191 -18.93 -14.88 3.41
N LEU B 192 -18.73 -13.61 3.09
CA LEU B 192 -19.56 -12.90 2.13
C LEU B 192 -19.42 -13.48 0.73
N MET B 193 -18.21 -13.86 0.36
CA MET B 193 -17.94 -14.39 -0.97
C MET B 193 -18.47 -15.81 -1.13
N ALA B 194 -18.41 -16.58 -0.05
CA ALA B 194 -18.97 -17.92 -0.05
C ALA B 194 -20.48 -17.85 -0.17
N LYS B 195 -21.07 -16.85 0.48
CA LYS B 195 -22.52 -16.61 0.43
C LYS B 195 -22.96 -16.28 -1.00
N ALA B 196 -22.11 -15.57 -1.74
CA ALA B 196 -22.41 -15.18 -3.11
C ALA B 196 -22.19 -16.34 -4.08
N GLY B 197 -21.81 -17.49 -3.56
CA GLY B 197 -21.67 -18.69 -4.37
C GLY B 197 -20.34 -18.85 -5.08
N LEU B 198 -19.34 -18.07 -4.66
CA LEU B 198 -18.01 -18.18 -5.24
C LEU B 198 -17.33 -19.47 -4.81
N THR B 199 -16.61 -20.11 -5.73
CA THR B 199 -15.83 -21.28 -5.38
C THR B 199 -14.70 -20.87 -4.44
N LEU B 200 -14.10 -21.84 -3.76
CA LEU B 200 -13.04 -21.59 -2.81
C LEU B 200 -11.87 -20.84 -3.46
N GLN B 201 -11.56 -21.22 -4.70
CA GLN B 201 -10.51 -20.56 -5.46
C GLN B 201 -10.87 -19.10 -5.76
N GLN B 202 -12.14 -18.88 -6.12
CA GLN B 202 -12.62 -17.56 -6.47
C GLN B 202 -12.62 -16.62 -5.27
N GLN B 203 -12.91 -17.16 -4.09
CA GLN B 203 -12.92 -16.38 -2.86
C GLN B 203 -11.52 -15.83 -2.55
N HIS B 204 -10.52 -16.71 -2.61
CA HIS B 204 -9.14 -16.32 -2.34
C HIS B 204 -8.64 -15.31 -3.37
N GLN B 205 -9.05 -15.49 -4.61
CA GLN B 205 -8.66 -14.58 -5.69
C GLN B 205 -9.28 -13.21 -5.49
N ARG B 206 -10.58 -13.18 -5.20
CA ARG B 206 -11.29 -11.92 -5.01
C ARG B 206 -10.79 -11.19 -3.77
N LEU B 207 -10.52 -11.95 -2.71
CA LEU B 207 -9.96 -11.38 -1.49
C LEU B 207 -8.65 -10.66 -1.79
N ALA B 208 -7.79 -11.34 -2.55
CA ALA B 208 -6.51 -10.77 -2.96
C ALA B 208 -6.70 -9.51 -3.80
N GLN B 209 -7.62 -9.58 -4.75
CA GLN B 209 -7.91 -8.44 -5.63
C GLN B 209 -8.34 -7.22 -4.83
N LEU B 210 -9.23 -7.43 -3.87
CA LEU B 210 -9.74 -6.34 -3.04
C LEU B 210 -8.64 -5.70 -2.19
N LEU B 211 -7.80 -6.55 -1.59
CA LEU B 211 -6.77 -6.06 -0.68
C LEU B 211 -5.61 -5.40 -1.43
N LEU B 212 -5.36 -5.83 -2.66
CA LEU B 212 -4.34 -5.20 -3.47
C LEU B 212 -4.72 -3.77 -3.82
N ILE B 213 -6.03 -3.54 -3.95
CA ILE B 213 -6.54 -2.20 -4.24
C ILE B 213 -6.21 -1.23 -3.10
N LEU B 214 -6.10 -1.76 -1.89
CA LEU B 214 -5.76 -0.94 -0.73
C LEU B 214 -4.36 -0.33 -0.84
N SER B 215 -3.46 -1.05 -1.46
CA SER B 215 -2.14 -0.54 -1.73
C SER B 215 -2.19 0.66 -2.62
N HIS B 216 -3.04 0.66 -3.62
CA HIS B 216 -3.31 1.82 -4.48
C HIS B 216 -3.93 3.03 -3.77
N ILE B 217 -4.81 2.75 -2.86
CA ILE B 217 -5.52 3.78 -2.12
C ILE B 217 -4.50 4.47 -1.20
N ARG B 218 -3.61 3.67 -0.61
CA ARG B 218 -2.51 4.23 0.18
C ARG B 218 -1.63 5.12 -0.68
N HIS B 219 -1.36 4.66 -1.90
CA HIS B 219 -0.57 5.41 -2.87
C HIS B 219 -1.23 6.75 -3.19
N MET B 220 -2.54 6.71 -3.45
CA MET B 220 -3.29 7.92 -3.76
C MET B 220 -3.26 8.92 -2.62
N SER B 221 -3.38 8.40 -1.39
CA SER B 221 -3.33 9.26 -0.21
C SER B 221 -2.00 9.98 -0.10
N ASN B 222 -0.91 9.22 -0.18
CA ASN B 222 0.44 9.77 -0.06
C ASN B 222 0.73 10.82 -1.14
N LYS B 223 0.34 10.52 -2.37
CA LYS B 223 0.60 11.44 -3.47
C LYS B 223 -0.29 12.69 -3.33
N GLY B 224 -1.49 12.50 -2.77
CA GLY B 224 -2.39 13.60 -2.52
C GLY B 224 -1.78 14.61 -1.56
N MET B 225 -1.25 14.11 -0.45
CA MET B 225 -0.58 14.95 0.52
C MET B 225 0.60 15.68 -0.12
N GLU B 226 1.42 14.93 -0.85
CA GLU B 226 2.63 15.47 -1.46
C GLU B 226 2.34 16.65 -2.40
N HIS B 227 1.27 16.52 -3.19
CA HIS B 227 0.89 17.58 -4.13
C HIS B 227 0.34 18.80 -3.40
N LEU B 228 -0.17 18.58 -2.20
CA LEU B 228 -0.73 19.66 -1.40
C LEU B 228 0.37 20.53 -0.81
N TYR B 229 1.43 19.89 -0.33
CA TYR B 229 2.59 20.61 0.19
C TYR B 229 3.39 21.25 -0.94
N SER B 230 2.96 20.99 -2.18
CA SER B 230 3.64 21.54 -3.36
C SER B 230 3.22 22.97 -3.65
N PRO B 238 -6.38 27.39 1.83
CA PRO B 238 -6.83 27.48 3.22
C PRO B 238 -7.44 26.17 3.72
N LEU B 239 -7.20 25.84 4.97
CA LEU B 239 -7.67 24.58 5.55
C LEU B 239 -8.28 24.80 6.93
N SER B 240 -9.15 23.86 7.33
CA SER B 240 -9.77 23.92 8.64
C SER B 240 -8.78 23.54 9.73
N ASP B 241 -9.12 23.87 10.98
CA ASP B 241 -8.24 23.58 12.11
C ASP B 241 -8.05 22.08 12.29
N LEU B 242 -9.10 21.31 12.08
CA LEU B 242 -9.03 19.86 12.22
C LEU B 242 -8.17 19.25 11.12
N LEU B 243 -8.37 19.70 9.88
CA LEU B 243 -7.62 19.21 8.74
C LEU B 243 -6.13 19.50 8.87
N LEU B 244 -5.82 20.72 9.30
CA LEU B 244 -4.42 21.14 9.51
C LEU B 244 -3.70 20.20 10.48
N GLU B 245 -4.41 19.79 11.54
CA GLU B 245 -3.84 18.90 12.54
C GLU B 245 -3.71 17.47 12.01
N MET B 246 -4.70 17.04 11.23
CA MET B 246 -4.63 15.75 10.56
C MET B 246 -3.43 15.72 9.62
N LEU B 247 -3.23 16.84 8.94
CA LEU B 247 -2.16 17.02 7.98
C LEU B 247 -0.80 16.95 8.67
N ASP B 248 -0.72 17.61 9.82
CA ASP B 248 0.45 17.62 10.68
C ASP B 248 1.04 16.23 10.89
N ALA B 249 0.17 15.22 10.98
CA ALA B 249 0.57 13.86 11.35
C ALA B 249 1.37 13.16 10.24
N HIS B 250 1.18 13.59 9.00
CA HIS B 250 1.86 12.97 7.88
C HIS B 250 3.11 13.76 7.49
N ARG B 251 3.60 14.59 8.41
CA ARG B 251 4.80 15.38 8.18
C ARG B 251 5.81 15.20 9.30
N LYS C 3 -5.30 18.12 20.86
CA LYS C 3 -5.73 18.05 19.47
C LYS C 3 -7.25 17.95 19.39
N ILE C 4 -7.81 18.44 18.28
CA ILE C 4 -9.25 18.41 18.08
C ILE C 4 -9.74 16.97 17.92
N LEU C 5 -9.01 16.19 17.14
CA LEU C 5 -9.30 14.76 16.97
C LEU C 5 -9.34 14.05 18.30
N HIS C 6 -8.37 14.38 19.15
CA HIS C 6 -8.29 13.87 20.52
C HIS C 6 -9.58 14.11 21.29
N ARG C 7 -10.08 15.35 21.22
CA ARG C 7 -11.25 15.75 21.98
C ARG C 7 -12.52 15.05 21.49
N LEU C 8 -12.79 15.16 20.19
CA LEU C 8 -13.99 14.60 19.59
C LEU C 8 -14.11 13.09 19.81
N LEU C 9 -12.98 12.44 20.03
CA LEU C 9 -12.94 10.99 20.24
C LEU C 9 -13.42 10.59 21.63
N GLN C 10 -13.12 11.40 22.64
CA GLN C 10 -13.44 11.03 24.02
C GLN C 10 -14.79 11.57 24.48
N ASP C 11 -15.54 12.19 23.58
CA ASP C 11 -16.87 12.67 23.90
C ASP C 11 -17.82 11.52 24.21
N HIS D 2 14.08 8.88 -24.53
CA HIS D 2 14.83 7.65 -24.76
C HIS D 2 15.48 7.17 -23.47
N LYS D 3 14.77 6.29 -22.77
CA LYS D 3 15.18 5.85 -21.44
C LYS D 3 16.18 4.70 -21.49
N ILE D 4 17.06 4.67 -20.49
CA ILE D 4 18.00 3.57 -20.33
C ILE D 4 17.25 2.27 -20.08
N LEU D 5 16.14 2.38 -19.35
CA LEU D 5 15.30 1.24 -19.04
C LEU D 5 14.77 0.57 -20.31
N HIS D 6 14.45 1.38 -21.31
CA HIS D 6 14.02 0.87 -22.61
C HIS D 6 15.10 -0.01 -23.25
N ARG D 7 16.36 0.40 -23.10
CA ARG D 7 17.47 -0.35 -23.66
C ARG D 7 17.76 -1.62 -22.87
N LEU D 8 17.73 -1.50 -21.54
CA LEU D 8 18.09 -2.62 -20.67
C LEU D 8 17.05 -3.74 -20.72
N LEU D 9 15.79 -3.38 -20.93
CA LEU D 9 14.71 -4.36 -20.99
C LEU D 9 14.72 -5.15 -22.30
N GLN D 10 15.30 -4.54 -23.34
CA GLN D 10 15.46 -5.22 -24.62
C GLN D 10 16.64 -6.18 -24.60
N ASP D 11 16.49 -7.32 -25.25
CA ASP D 11 17.58 -8.24 -25.60
C ASP D 11 17.07 -9.35 -26.52
C01 OB5 E . 18.78 4.28 -3.97
C02 OB5 E . 19.66 5.24 -3.94
C03 OB5 E . 19.98 5.71 -2.76
C04 OB5 E . 19.45 5.21 -1.67
C05 OB5 E . 18.59 4.22 -1.69
C06 OB5 E . 18.26 3.79 -2.87
O01 OB5 E . 20.19 5.75 -5.04
C07 OB5 E . 18.05 3.76 -0.58
C08 OB5 E . 17.73 2.56 -0.07
C09 OB5 E . 17.04 2.97 1.24
C10 OB5 E . 17.91 1.26 -0.45
C11 OB5 E . 17.52 4.76 0.43
C12 OB5 E . 18.91 0.88 -1.22
C13 OB5 E . 19.11 -0.39 -1.58
C14 OB5 E . 18.31 -1.36 -1.20
C15 OB5 E . 17.28 -1.00 -0.44
C16 OB5 E . 17.09 0.27 -0.08
O02 OB5 E . 18.49 -2.62 -1.58
C17 OB5 E . 16.03 4.84 0.20
C18 OB5 E . 15.66 3.57 0.99
S01 OB5 E . 14.80 4.01 2.53
O03 OB5 E . 17.67 4.11 1.63
N01 OB5 E . 15.83 4.62 3.66
O04 OB5 E . 13.94 4.93 1.91
O05 OB5 E . 14.42 2.68 2.66
C19 OB5 E . 16.15 5.85 3.73
C20 OB5 E . 16.42 3.66 4.62
C21 OB5 E . 17.29 6.35 4.23
C25 OB5 E . 15.33 6.81 3.28
C26 OB5 E . 15.97 3.81 6.06
C01 OB4 F . -9.68 17.84 1.39
C02 OB4 F . -9.49 19.12 1.17
C03 OB4 F . -9.42 19.46 -0.11
C04 OB4 F . -9.55 18.57 -1.08
C05 OB4 F . -9.78 17.28 -0.86
C06 OB4 F . -9.82 16.97 0.41
O01 OB4 F . -9.33 19.99 2.16
C07 OB4 F . -9.87 16.37 -1.81
C08 OB4 F . -10.62 15.28 -2.07
C09 OB4 F . -9.99 14.79 -3.37
C10 OB4 F . -11.67 14.68 -1.45
C11 OB4 F . -8.86 16.40 -2.95
C12 OB4 F . -12.50 15.34 -0.67
C13 OB4 F . -13.52 14.79 -0.07
C14 OB4 F . -13.79 13.52 -0.16
C15 OB4 F . -12.98 12.82 -0.94
C16 OB4 F . -11.96 13.39 -1.56
O02 OB4 F . -14.82 12.98 0.48
C17 OB4 F . -7.84 15.31 -2.65
C18 OB4 F . -8.68 14.07 -3.05
S01 OB4 F . -6.13 15.47 -3.35
O03 OB4 F . -9.57 15.94 -4.02
N01 OB4 F . -5.59 16.86 -2.61
O04 OB4 F . -6.48 15.43 -4.66
O05 OB4 F . -5.75 14.34 -2.73
C19 OB4 F . -5.56 17.07 -1.36
C20 OB4 F . -5.13 17.96 -3.49
C21 OB4 F . -6.24 18.02 -0.70
C22 OB4 F . -6.18 18.16 0.61
C23 OB4 F . -5.45 17.37 1.39
C24 OB4 F . -4.81 16.40 0.73
C25 OB4 F . -4.85 16.29 -0.58
C26 OB4 F . -3.69 17.68 -3.89
O06 OB4 F . -5.40 17.48 2.73
C27 OB4 F . -5.76 18.64 3.39
#